data_6WUG
#
_entry.id   6WUG
#
_cell.length_a   100.594
_cell.length_b   59.978
_cell.length_c   72.545
_cell.angle_alpha   90.00
_cell.angle_beta   104.67
_cell.angle_gamma   90.00
#
_symmetry.space_group_name_H-M   'C 1 2 1'
#
loop_
_entity.id
_entity.type
_entity.pdbx_description
1 polymer 'Decapping nuclease din1'
2 non-polymer 'MAGNESIUM ION'
3 non-polymer '[(2R,3S,4R,5R)-5-(6-amino-9H-purin-9-yl)-4-hydroxy-3-(phosphonooxy)tetrahydrofuran-2-yl]methyl (2R,3S,4S)-5-(7,8-dimethyl-2,4-dioxo-3,4-dihydrobenzo[g]pteridin-10(2H)-yl)-2,3,4-trihydroxypentyl dihydrogen diphosphate (non-preferred name)'
4 non-polymer 1,2-ETHANEDIOL
5 water water
#
_entity_poly.entity_id   1
_entity_poly.type   'polypeptide(L)'
_entity_poly.pdbx_seq_one_letter_code
;MGSSHHHHHHSSGLVPRGSHMLREFSFYDVPPAHVPPVSEPLEIACYSLSRDRELLLDDSKLSYYYPPPLFSDLNTGFPN
RFHPPKSDPDPISIVKDVLMTKGIQMNSSFLTWRGLITKIMCAPLDPRNHWETYLVMDPTSGIIMMEERTRSETSYANQD
RMCYWGYKFEAISTLPEIWDACSRDQIEQRDNQDVVPDEQYCSIVKINIGKSKLILAGEVDCIWDKKPCSAKESDVHSDD
GTIEEDASNAENPNLHYVELKTSKKYPLENYGMRKKLLKYWAQSFLLGIGRIIIGFRDDNGILIEMKELFTHQIPKMLRP
YFKPNDWTPNRLLVVLEHALEWIKQTVKQHPPSTEFTLSYTGGSKLVLRQII
;
_entity_poly.pdbx_strand_id   A
#
loop_
_chem_comp.id
_chem_comp.type
_chem_comp.name
_chem_comp.formula
EDO non-polymer 1,2-ETHANEDIOL 'C2 H6 O2'
MG non-polymer 'MAGNESIUM ION' 'Mg 2'
UBG non-polymer '[(2R,3S,4R,5R)-5-(6-amino-9H-purin-9-yl)-4-hydroxy-3-(phosphonooxy)tetrahydrofuran-2-yl]methyl (2R,3S,4S)-5-(7,8-dimethyl-2,4-dioxo-3,4-dihydrobenzo[g]pteridin-10(2H)-yl)-2,3,4-trihydroxypentyl dihydrogen diphosphate (non-preferred name)' 'C27 H34 N9 O18 P3'
#
# COMPACT_ATOMS: atom_id res chain seq x y z
N MET A 21 30.54 -1.54 6.03
CA MET A 21 30.42 -1.60 4.57
C MET A 21 28.98 -1.32 4.10
N LEU A 22 28.80 -0.27 3.29
CA LEU A 22 27.49 0.15 2.83
C LEU A 22 27.40 0.04 1.31
N ARG A 23 26.20 -0.27 0.82
CA ARG A 23 25.88 -0.18 -0.59
C ARG A 23 24.80 0.88 -0.72
N GLU A 24 24.94 1.77 -1.70
CA GLU A 24 24.06 2.92 -1.83
C GLU A 24 23.46 2.98 -3.22
N PHE A 25 22.21 3.43 -3.29
CA PHE A 25 21.50 3.61 -4.55
C PHE A 25 21.01 5.05 -4.63
N SER A 26 21.33 5.71 -5.74
CA SER A 26 21.07 7.13 -5.91
C SER A 26 19.80 7.29 -6.72
N PHE A 27 18.82 8.03 -6.20
CA PHE A 27 17.65 8.33 -7.01
C PHE A 27 18.05 8.99 -8.31
N TYR A 28 18.98 9.94 -8.24
CA TYR A 28 19.30 10.83 -9.35
C TYR A 28 20.38 10.28 -10.27
N ASP A 29 21.04 9.18 -9.90
CA ASP A 29 21.91 8.46 -10.82
C ASP A 29 21.11 7.68 -11.86
N VAL A 30 19.80 7.57 -11.73
CA VAL A 30 19.03 6.78 -12.69
C VAL A 30 18.81 7.63 -13.94
N PRO A 31 19.22 7.15 -15.11
CA PRO A 31 19.05 7.92 -16.33
C PRO A 31 17.58 8.02 -16.70
N PRO A 32 17.20 9.01 -17.49
CA PRO A 32 15.83 9.04 -18.02
C PRO A 32 15.60 7.82 -18.92
N ALA A 33 14.61 7.01 -18.56
CA ALA A 33 14.34 5.77 -19.25
C ALA A 33 12.88 5.72 -19.66
N HIS A 34 12.56 4.74 -20.49
CA HIS A 34 11.16 4.47 -20.80
C HIS A 34 10.48 3.83 -19.59
N VAL A 35 9.23 4.18 -19.37
CA VAL A 35 8.53 3.62 -18.21
C VAL A 35 8.55 2.10 -18.30
N PRO A 36 8.87 1.37 -17.24
CA PRO A 36 8.93 -0.08 -17.34
C PRO A 36 7.54 -0.67 -17.51
N PRO A 37 7.44 -1.83 -18.14
CA PRO A 37 6.15 -2.53 -18.17
C PRO A 37 5.76 -2.98 -16.78
N VAL A 38 4.46 -2.91 -16.50
CA VAL A 38 3.91 -3.36 -15.22
C VAL A 38 2.70 -4.21 -15.55
N SER A 39 2.70 -5.46 -15.07
CA SER A 39 1.58 -6.35 -15.33
C SER A 39 0.36 -5.96 -14.51
N GLU A 40 -0.81 -6.39 -14.98
CA GLU A 40 -2.03 -6.26 -14.20
C GLU A 40 -1.92 -7.10 -12.93
N PRO A 41 -1.99 -6.51 -11.75
CA PRO A 41 -1.80 -7.30 -10.51
C PRO A 41 -2.88 -8.36 -10.39
N LEU A 42 -2.45 -9.60 -10.24
CA LEU A 42 -3.34 -10.76 -10.20
C LEU A 42 -3.47 -11.28 -8.77
N GLU A 43 -4.68 -11.32 -8.24
CA GLU A 43 -4.86 -11.87 -6.91
C GLU A 43 -4.64 -13.38 -6.93
N ILE A 44 -3.76 -13.86 -6.06
CA ILE A 44 -3.53 -15.29 -5.92
C ILE A 44 -4.08 -15.86 -4.62
N ALA A 45 -4.33 -15.03 -3.60
CA ALA A 45 -4.94 -15.47 -2.36
C ALA A 45 -5.51 -14.24 -1.65
N CYS A 46 -6.40 -14.49 -0.70
CA CYS A 46 -6.88 -13.41 0.16
C CYS A 46 -7.13 -13.98 1.54
N TYR A 47 -7.28 -13.08 2.51
CA TYR A 47 -7.66 -13.50 3.85
C TYR A 47 -8.26 -12.32 4.61
N SER A 48 -8.97 -12.65 5.69
CA SER A 48 -9.58 -11.68 6.57
C SER A 48 -8.94 -11.74 7.95
N LEU A 49 -8.97 -10.62 8.67
CA LEU A 49 -8.57 -10.56 10.08
C LEU A 49 -9.78 -10.12 10.89
N SER A 50 -10.24 -10.97 11.79
CA SER A 50 -11.34 -10.63 12.68
C SER A 50 -10.94 -9.46 13.59
N ARG A 51 -11.92 -8.95 14.34
CA ARG A 51 -11.61 -7.91 15.30
C ARG A 51 -10.66 -8.42 16.37
N ASP A 52 -10.74 -9.71 16.66
CA ASP A 52 -9.93 -10.36 17.69
C ASP A 52 -8.57 -10.80 17.17
N ARG A 53 -8.32 -10.45 15.91
CA ARG A 53 -7.10 -10.71 15.12
C ARG A 53 -7.00 -12.12 14.56
N GLU A 54 -8.08 -12.89 14.71
CA GLU A 54 -8.11 -14.23 14.15
C GLU A 54 -7.95 -14.13 12.64
N LEU A 55 -6.99 -14.86 12.09
CA LEU A 55 -6.75 -14.87 10.65
C LEU A 55 -7.64 -15.94 10.03
N LEU A 56 -8.59 -15.51 9.19
CA LEU A 56 -9.53 -16.40 8.54
C LEU A 56 -9.23 -16.44 7.05
N LEU A 57 -9.16 -17.65 6.48
CA LEU A 57 -8.93 -17.83 5.05
C LEU A 57 -10.27 -17.76 4.32
N ASP A 58 -10.88 -16.58 4.36
CA ASP A 58 -12.14 -16.34 3.65
C ASP A 58 -12.31 -14.84 3.43
N ASP A 59 -13.47 -14.47 2.85
CA ASP A 59 -13.85 -13.10 2.53
C ASP A 59 -14.77 -12.49 3.55
N SER A 60 -14.93 -13.11 4.71
CA SER A 60 -15.90 -12.63 5.68
C SER A 60 -15.66 -11.17 6.07
N LYS A 61 -14.46 -10.64 5.85
CA LYS A 61 -14.18 -9.26 6.24
C LYS A 61 -14.17 -8.30 5.06
N LEU A 62 -14.40 -8.78 3.85
CA LEU A 62 -14.58 -7.90 2.71
C LEU A 62 -15.93 -7.20 2.81
N SER A 63 -15.90 -5.87 2.88
CA SER A 63 -17.08 -5.01 2.93
C SER A 63 -17.33 -4.38 1.57
N TYR A 64 -18.59 -3.98 1.36
CA TYR A 64 -19.02 -3.26 0.17
C TYR A 64 -19.01 -1.76 0.41
N TYR A 65 -18.65 -0.99 -0.61
CA TYR A 65 -18.74 0.47 -0.55
C TYR A 65 -20.18 0.94 -0.66
N TYR A 66 -20.58 1.88 0.21
CA TYR A 66 -21.85 2.58 0.05
C TYR A 66 -21.70 4.02 0.53
N PRO A 67 -21.99 5.02 -0.30
CA PRO A 67 -21.69 6.42 0.06
C PRO A 67 -22.36 6.80 1.37
N PRO A 68 -21.57 7.27 2.34
CA PRO A 68 -22.15 7.70 3.61
C PRO A 68 -22.86 9.04 3.46
N PRO A 69 -23.69 9.41 4.44
CA PRO A 69 -24.40 10.69 4.34
C PRO A 69 -23.43 11.87 4.32
N LEU A 70 -23.69 12.81 3.42
CA LEU A 70 -22.94 14.05 3.46
C LEU A 70 -23.11 14.73 4.82
N PHE A 71 -22.06 15.45 5.23
CA PHE A 71 -22.01 16.17 6.51
C PHE A 71 -21.98 15.22 7.71
N SER A 72 -21.64 13.95 7.47
CA SER A 72 -21.33 13.04 8.55
C SER A 72 -20.20 13.61 9.38
N ASP A 73 -20.30 13.44 10.70
CA ASP A 73 -19.32 13.97 11.64
C ASP A 73 -18.31 12.87 11.94
N LEU A 74 -17.09 13.02 11.42
CA LEU A 74 -16.08 11.99 11.61
C LEU A 74 -15.52 11.96 13.03
N ASN A 75 -15.90 12.91 13.89
CA ASN A 75 -15.50 12.82 15.29
C ASN A 75 -16.35 11.84 16.07
N THR A 76 -17.56 11.52 15.60
CA THR A 76 -18.46 10.67 16.35
C THR A 76 -17.78 9.35 16.70
N GLY A 77 -17.76 9.04 18.00
CA GLY A 77 -17.20 7.81 18.52
C GLY A 77 -15.79 7.97 19.08
N PHE A 78 -15.13 9.09 18.82
CA PHE A 78 -13.76 9.29 19.28
C PHE A 78 -13.77 9.91 20.68
N PRO A 79 -13.12 9.30 21.67
CA PRO A 79 -12.34 8.06 21.59
C PRO A 79 -13.05 6.80 22.13
N ASN A 80 -14.26 6.91 22.68
CA ASN A 80 -14.80 5.79 23.47
C ASN A 80 -15.27 4.62 22.62
N ARG A 81 -15.57 4.83 21.34
CA ARG A 81 -15.89 3.72 20.45
C ARG A 81 -14.68 3.29 19.62
N PHE A 82 -13.51 3.86 19.89
CA PHE A 82 -12.32 3.66 19.07
C PHE A 82 -11.44 2.58 19.70
N HIS A 83 -11.28 1.46 19.00
CA HIS A 83 -10.28 0.47 19.41
C HIS A 83 -9.00 0.70 18.63
N PRO A 84 -8.00 1.33 19.24
CA PRO A 84 -6.84 1.77 18.47
C PRO A 84 -6.15 0.55 17.80
N PRO A 85 -5.48 0.79 16.69
CA PRO A 85 -4.85 -0.33 15.97
C PRO A 85 -3.67 -0.90 16.76
N LYS A 86 -3.37 -2.16 16.46
CA LYS A 86 -2.34 -2.92 17.19
C LYS A 86 -1.04 -2.16 17.37
N SER A 87 -0.55 -1.49 16.33
CA SER A 87 0.62 -0.62 16.42
C SER A 87 1.94 -1.41 16.59
N ASP A 88 2.00 -2.63 16.06
CA ASP A 88 3.23 -3.38 15.89
C ASP A 88 3.32 -3.86 14.45
N PRO A 89 4.51 -3.84 13.83
CA PRO A 89 4.62 -4.33 12.45
C PRO A 89 4.34 -5.83 12.38
N ASP A 90 3.75 -6.24 11.28
CA ASP A 90 3.42 -7.65 11.10
C ASP A 90 4.54 -8.34 10.36
N PRO A 91 4.98 -9.51 10.81
CA PRO A 91 6.03 -10.24 10.09
C PRO A 91 5.49 -10.75 8.78
N ILE A 92 6.33 -10.69 7.74
CA ILE A 92 5.90 -11.13 6.40
C ILE A 92 5.75 -12.63 6.32
N SER A 93 6.27 -13.38 7.32
CA SER A 93 6.00 -14.82 7.40
C SER A 93 4.51 -15.12 7.42
N ILE A 94 3.68 -14.21 7.93
CA ILE A 94 2.23 -14.41 7.86
C ILE A 94 1.81 -14.75 6.43
N VAL A 95 2.27 -13.94 5.48
CA VAL A 95 1.88 -14.12 4.08
C VAL A 95 2.49 -15.39 3.50
N LYS A 96 3.78 -15.63 3.77
CA LYS A 96 4.36 -16.91 3.36
C LYS A 96 3.55 -18.08 3.89
N ASP A 97 3.10 -18.00 5.14
CA ASP A 97 2.34 -19.11 5.70
C ASP A 97 0.96 -19.22 5.08
N VAL A 98 0.34 -18.08 4.71
CA VAL A 98 -0.95 -18.16 4.00
C VAL A 98 -0.78 -18.92 2.69
N LEU A 99 0.25 -18.56 1.92
CA LEU A 99 0.47 -19.22 0.64
C LEU A 99 0.79 -20.70 0.83
N MET A 100 1.63 -21.02 1.84
CA MET A 100 1.92 -22.42 2.15
C MET A 100 0.65 -23.17 2.52
N THR A 101 -0.19 -22.58 3.37
CA THR A 101 -1.41 -23.26 3.80
C THR A 101 -2.31 -23.60 2.62
N LYS A 102 -2.40 -22.71 1.63
CA LYS A 102 -3.19 -22.99 0.44
C LYS A 102 -2.40 -23.66 -0.67
N GLY A 103 -1.19 -24.13 -0.38
CA GLY A 103 -0.42 -24.85 -1.36
C GLY A 103 -0.02 -24.05 -2.57
N ILE A 104 0.20 -22.75 -2.43
CA ILE A 104 0.60 -21.90 -3.54
C ILE A 104 2.10 -21.70 -3.49
N GLN A 105 2.76 -21.91 -4.62
CA GLN A 105 4.21 -21.87 -4.67
C GLN A 105 4.71 -20.48 -4.99
N MET A 106 5.76 -20.06 -4.31
CA MET A 106 6.33 -18.72 -4.46
C MET A 106 7.44 -18.80 -5.49
N ASN A 107 7.13 -18.38 -6.71
CA ASN A 107 8.15 -18.30 -7.75
C ASN A 107 8.30 -16.86 -8.21
N SER A 108 8.73 -16.00 -7.30
CA SER A 108 8.89 -14.59 -7.60
C SER A 108 10.22 -14.13 -7.02
N SER A 109 10.52 -12.84 -7.21
CA SER A 109 11.75 -12.24 -6.72
C SER A 109 11.56 -11.66 -5.31
N PHE A 110 10.43 -11.00 -5.07
CA PHE A 110 10.17 -10.33 -3.81
C PHE A 110 8.86 -10.79 -3.18
N LEU A 111 8.85 -10.84 -1.85
CA LEU A 111 7.64 -11.06 -1.08
C LEU A 111 7.63 -10.02 0.01
N THR A 112 6.59 -9.19 0.04
CA THR A 112 6.51 -8.17 1.08
C THR A 112 5.12 -7.56 1.14
N TRP A 113 4.92 -6.70 2.13
CA TRP A 113 3.69 -5.92 2.20
C TRP A 113 3.71 -4.83 1.14
N ARG A 114 2.56 -4.64 0.49
CA ARG A 114 2.45 -3.60 -0.52
C ARG A 114 3.02 -2.27 -0.04
N GLY A 115 2.67 -1.88 1.19
CA GLY A 115 3.07 -0.59 1.70
C GLY A 115 4.59 -0.42 1.80
N LEU A 116 5.34 -1.52 1.79
CA LEU A 116 6.80 -1.37 1.85
C LEU A 116 7.37 -1.08 0.46
N ILE A 117 6.70 -1.55 -0.60
CA ILE A 117 7.08 -1.09 -1.94
C ILE A 117 6.65 0.36 -2.14
N THR A 118 5.44 0.72 -1.66
CA THR A 118 5.06 2.12 -1.72
C THR A 118 6.11 3.02 -1.06
N LYS A 119 6.70 2.57 0.04
CA LYS A 119 7.69 3.40 0.71
C LYS A 119 8.93 3.56 -0.16
N ILE A 120 9.36 2.49 -0.80
CA ILE A 120 10.53 2.59 -1.68
C ILE A 120 10.18 3.49 -2.84
N MET A 121 9.01 3.23 -3.45
CA MET A 121 8.65 3.93 -4.68
C MET A 121 8.48 5.43 -4.45
N CYS A 122 7.95 5.81 -3.30
CA CYS A 122 7.60 7.20 -3.01
C CYS A 122 8.67 7.92 -2.21
N ALA A 123 9.78 7.26 -1.90
CA ALA A 123 10.82 7.92 -1.10
C ALA A 123 11.29 9.23 -1.73
N PRO A 124 11.51 9.33 -3.05
CA PRO A 124 11.87 10.62 -3.64
C PRO A 124 10.88 11.73 -3.33
N LEU A 125 9.60 11.40 -3.11
CA LEU A 125 8.56 12.37 -2.81
C LEU A 125 8.58 12.84 -1.36
N ASP A 126 9.17 12.06 -0.46
CA ASP A 126 8.94 12.19 0.98
C ASP A 126 10.26 12.15 1.72
N PRO A 127 11.09 13.18 1.56
CA PRO A 127 12.36 13.21 2.32
C PRO A 127 12.16 13.18 3.82
N ARG A 128 10.99 13.59 4.29
CA ARG A 128 10.71 13.62 5.73
C ARG A 128 10.44 12.25 6.33
N ASN A 129 9.90 11.31 5.55
CA ASN A 129 9.46 10.04 6.13
C ASN A 129 10.62 9.04 6.04
N HIS A 130 11.32 8.88 7.16
CA HIS A 130 12.44 7.96 7.24
C HIS A 130 11.95 6.59 7.69
N TRP A 131 12.52 5.55 7.09
CA TRP A 131 12.05 4.20 7.37
C TRP A 131 13.21 3.22 7.23
N GLU A 132 13.00 2.01 7.75
CA GLU A 132 13.99 0.95 7.61
C GLU A 132 13.27 -0.37 7.48
N THR A 133 13.70 -1.20 6.52
CA THR A 133 13.16 -2.55 6.38
C THR A 133 14.27 -3.59 6.52
N TYR A 134 13.84 -4.84 6.75
CA TYR A 134 14.74 -5.99 6.87
C TYR A 134 14.46 -6.95 5.73
N LEU A 135 15.53 -7.40 5.09
CA LEU A 135 15.44 -8.31 3.97
C LEU A 135 16.20 -9.60 4.25
N VAL A 136 15.62 -10.71 3.81
CA VAL A 136 16.32 -11.98 3.86
C VAL A 136 15.83 -12.82 2.69
N MET A 137 16.77 -13.45 1.99
CA MET A 137 16.41 -14.42 0.97
C MET A 137 16.09 -15.77 1.59
N ASP A 138 14.92 -16.30 1.24
CA ASP A 138 14.46 -17.58 1.75
C ASP A 138 15.23 -18.71 1.06
N PRO A 139 15.88 -19.61 1.80
CA PRO A 139 16.77 -20.58 1.14
C PRO A 139 16.04 -21.58 0.25
N THR A 140 14.81 -21.96 0.58
CA THR A 140 14.14 -22.95 -0.25
C THR A 140 13.60 -22.33 -1.54
N SER A 141 12.88 -21.22 -1.43
CA SER A 141 12.26 -20.61 -2.59
C SER A 141 13.17 -19.65 -3.34
N GLY A 142 14.14 -19.03 -2.64
CA GLY A 142 14.95 -18.01 -3.26
C GLY A 142 14.31 -16.64 -3.34
N ILE A 143 13.08 -16.49 -2.89
CA ILE A 143 12.43 -15.17 -2.89
C ILE A 143 13.03 -14.31 -1.79
N ILE A 144 13.04 -13.01 -2.01
CA ILE A 144 13.58 -12.05 -1.04
C ILE A 144 12.42 -11.52 -0.19
N MET A 145 12.42 -11.85 1.09
CA MET A 145 11.36 -11.43 1.98
C MET A 145 11.71 -10.11 2.66
N MET A 146 10.75 -9.22 2.75
CA MET A 146 11.02 -7.92 3.34
C MET A 146 9.93 -7.56 4.33
N GLU A 147 10.35 -7.02 5.48
CA GLU A 147 9.39 -6.67 6.52
C GLU A 147 9.97 -5.55 7.38
N GLU A 148 9.12 -4.97 8.21
CA GLU A 148 9.57 -4.05 9.22
C GLU A 148 9.64 -4.75 10.56
N ARG A 149 10.58 -4.32 11.40
CA ARG A 149 10.72 -4.82 12.76
C ARG A 149 10.73 -3.70 13.79
N THR A 150 11.09 -2.48 13.41
CA THR A 150 11.10 -1.27 14.25
C THR A 150 11.12 -1.54 15.75
N ASN A 158 -0.63 7.30 14.79
CA ASN A 158 -1.58 6.44 14.09
C ASN A 158 -2.92 6.28 14.81
N GLN A 159 -3.09 6.99 15.94
CA GLN A 159 -4.37 6.90 16.65
C GLN A 159 -4.78 8.23 17.28
N ASP A 160 -4.35 9.35 16.71
CA ASP A 160 -4.87 10.64 17.12
C ASP A 160 -6.21 10.89 16.44
N ARG A 161 -6.79 12.06 16.69
CA ARG A 161 -8.08 12.38 16.08
C ARG A 161 -7.99 12.39 14.55
N MET A 162 -6.86 12.83 13.99
CA MET A 162 -6.72 12.89 12.53
C MET A 162 -6.84 11.50 11.90
N CYS A 163 -6.12 10.51 12.45
CA CYS A 163 -6.22 9.14 11.96
C CYS A 163 -7.60 8.56 12.22
N TYR A 164 -8.20 8.87 13.37
CA TYR A 164 -9.54 8.39 13.66
C TYR A 164 -10.50 8.81 12.54
N TRP A 165 -10.38 10.04 12.06
CA TRP A 165 -11.27 10.49 10.99
C TRP A 165 -11.16 9.57 9.78
N GLY A 166 -9.93 9.12 9.48
CA GLY A 166 -9.70 8.17 8.41
C GLY A 166 -10.35 6.83 8.67
N TYR A 167 -10.10 6.25 9.85
CA TYR A 167 -10.75 4.99 10.21
C TYR A 167 -12.25 5.13 10.23
N LYS A 168 -12.77 6.23 10.79
CA LYS A 168 -14.20 6.45 10.87
C LYS A 168 -14.84 6.56 9.49
N PHE A 169 -14.18 7.27 8.56
CA PHE A 169 -14.72 7.39 7.21
C PHE A 169 -14.81 6.02 6.55
N GLU A 170 -13.79 5.17 6.76
CA GLU A 170 -13.86 3.79 6.28
C GLU A 170 -15.03 3.04 6.90
N ALA A 171 -15.22 3.20 8.23
CA ALA A 171 -16.33 2.53 8.90
C ALA A 171 -17.68 2.97 8.34
N ILE A 172 -17.93 4.27 8.24
CA ILE A 172 -19.28 4.70 7.84
C ILE A 172 -19.52 4.53 6.34
N SER A 173 -18.47 4.25 5.56
CA SER A 173 -18.60 4.15 4.11
C SER A 173 -18.69 2.71 3.63
N THR A 174 -18.84 1.76 4.54
CA THR A 174 -18.81 0.37 4.15
C THR A 174 -19.94 -0.38 4.83
N LEU A 175 -20.28 -1.51 4.23
CA LEU A 175 -21.34 -2.38 4.64
C LEU A 175 -20.80 -3.80 4.57
N PRO A 176 -20.83 -4.55 5.67
CA PRO A 176 -20.36 -5.94 5.63
C PRO A 176 -21.27 -6.81 4.79
N GLU A 177 -20.77 -7.99 4.45
CA GLU A 177 -21.67 -9.02 3.94
C GLU A 177 -22.70 -9.31 5.02
N ILE A 178 -23.98 -9.28 4.63
CA ILE A 178 -25.08 -9.54 5.55
C ILE A 178 -25.86 -10.78 5.13
N TRP A 179 -26.28 -10.83 3.87
CA TRP A 179 -27.16 -11.91 3.42
C TRP A 179 -26.53 -13.28 3.65
N ASP A 180 -25.25 -13.43 3.31
CA ASP A 180 -24.54 -14.68 3.45
C ASP A 180 -23.61 -14.73 4.65
N ALA A 181 -23.65 -13.71 5.51
CA ALA A 181 -22.86 -13.70 6.74
C ALA A 181 -23.16 -14.92 7.63
N GLN A 193 -21.23 2.89 15.68
CA GLN A 193 -20.65 1.57 15.86
C GLN A 193 -19.15 1.68 16.14
N ASP A 194 -18.59 0.61 16.68
CA ASP A 194 -17.19 0.63 17.08
C ASP A 194 -16.29 0.71 15.85
N VAL A 195 -15.18 1.42 16.00
CA VAL A 195 -14.21 1.63 14.95
C VAL A 195 -13.01 0.76 15.30
N VAL A 196 -12.77 -0.27 14.51
CA VAL A 196 -11.81 -1.33 14.84
C VAL A 196 -10.89 -1.53 13.65
N PRO A 197 -9.89 -0.64 13.48
CA PRO A 197 -9.00 -0.75 12.32
C PRO A 197 -8.24 -2.07 12.24
N ASP A 198 -8.10 -2.80 13.35
CA ASP A 198 -7.45 -4.11 13.31
C ASP A 198 -8.22 -5.10 12.46
N GLU A 199 -9.53 -4.94 12.32
CA GLU A 199 -10.30 -5.81 11.45
C GLU A 199 -10.06 -5.42 10.00
N GLN A 200 -9.66 -6.38 9.16
CA GLN A 200 -9.14 -6.05 7.84
C GLN A 200 -9.41 -7.19 6.88
N TYR A 201 -9.45 -6.83 5.60
CA TYR A 201 -9.42 -7.76 4.48
C TYR A 201 -8.15 -7.49 3.69
N CYS A 202 -7.49 -8.57 3.26
CA CYS A 202 -6.17 -8.50 2.65
C CYS A 202 -6.17 -9.23 1.31
N CSS A 202 -7.46 -8.55 3.28
CA CSS A 202 -6.16 -8.39 2.65
CB CSS A 202 -5.04 -8.78 3.64
SG CSS A 202 -4.76 -7.50 4.94
SD CSS A 202 -3.19 -6.59 5.80
C CSS A 202 -6.09 -9.21 1.37
O CSS A 202 -6.44 -10.39 1.35
N SER A 203 -5.67 -8.56 0.28
CA SER A 203 -5.44 -9.19 -1.01
C SER A 203 -3.95 -9.43 -1.23
N ILE A 204 -3.62 -10.61 -1.75
CA ILE A 204 -2.24 -10.96 -2.12
C ILE A 204 -2.15 -11.10 -3.64
N VAL A 205 -1.37 -10.22 -4.28
CA VAL A 205 -1.28 -10.17 -5.74
C VAL A 205 0.12 -10.55 -6.21
N LYS A 206 0.19 -11.08 -7.44
CA LYS A 206 1.43 -11.14 -8.20
C LYS A 206 1.46 -9.91 -9.09
N ILE A 207 2.53 -9.13 -9.02
CA ILE A 207 2.69 -8.01 -9.93
C ILE A 207 4.14 -8.00 -10.42
N ASN A 208 4.32 -7.77 -11.71
CA ASN A 208 5.64 -7.69 -12.34
C ASN A 208 5.93 -6.23 -12.66
N ILE A 209 7.04 -5.72 -12.15
CA ILE A 209 7.50 -4.37 -12.43
C ILE A 209 8.81 -4.50 -13.18
N GLY A 210 8.76 -4.27 -14.50
CA GLY A 210 9.92 -4.59 -15.33
C GLY A 210 10.34 -6.02 -15.11
N LYS A 211 11.61 -6.20 -14.75
CA LYS A 211 12.19 -7.53 -14.57
C LYS A 211 11.92 -8.15 -13.21
N SER A 212 11.32 -7.41 -12.28
CA SER A 212 11.10 -7.89 -10.92
C SER A 212 9.69 -8.46 -10.79
N LYS A 213 9.59 -9.73 -10.41
CA LYS A 213 8.30 -10.35 -10.08
C LYS A 213 8.09 -10.21 -8.58
N LEU A 214 6.98 -9.60 -8.18
CA LEU A 214 6.71 -9.35 -6.78
C LEU A 214 5.43 -10.04 -6.34
N ILE A 215 5.43 -10.55 -5.11
CA ILE A 215 4.20 -10.96 -4.44
C ILE A 215 3.93 -9.95 -3.34
N LEU A 216 2.80 -9.28 -3.39
CA LEU A 216 2.51 -8.18 -2.47
C LEU A 216 1.20 -8.45 -1.76
N ALA A 217 1.19 -8.23 -0.45
CA ALA A 217 0.00 -8.33 0.36
C ALA A 217 -0.38 -6.93 0.82
N GLY A 218 -1.64 -6.56 0.66
CA GLY A 218 -2.09 -5.24 1.07
C GLY A 218 -3.52 -5.28 1.59
N GLU A 219 -3.86 -4.31 2.44
CA GLU A 219 -5.21 -4.19 2.95
C GLU A 219 -6.14 -3.56 1.92
N VAL A 220 -7.33 -4.15 1.75
CA VAL A 220 -8.36 -3.65 0.84
C VAL A 220 -9.51 -3.12 1.67
N ASP A 221 -9.87 -1.84 1.46
CA ASP A 221 -10.85 -1.17 2.30
C ASP A 221 -12.26 -1.71 2.05
N CYS A 222 -12.60 -1.96 0.81
CA CYS A 222 -13.94 -2.49 0.53
C CYS A 222 -14.01 -2.79 -0.97
N ILE A 223 -15.17 -3.24 -1.44
CA ILE A 223 -15.31 -3.59 -2.85
C ILE A 223 -16.53 -2.87 -3.41
N TRP A 224 -16.44 -2.52 -4.69
CA TRP A 224 -17.47 -1.71 -5.34
C TRP A 224 -18.75 -2.51 -5.55
N ASP A 225 -18.63 -3.80 -5.84
CA ASP A 225 -19.77 -4.66 -6.12
C ASP A 225 -19.37 -6.09 -5.79
N LYS A 226 -20.21 -7.05 -6.17
CA LYS A 226 -19.93 -8.47 -5.96
C LYS A 226 -18.54 -8.88 -6.40
N LYS A 227 -17.85 -9.67 -5.57
CA LYS A 227 -16.52 -10.15 -5.97
C LYS A 227 -16.66 -11.20 -7.06
N PRO A 228 -16.03 -11.03 -8.24
CA PRO A 228 -16.13 -11.97 -9.36
C PRO A 228 -15.88 -13.42 -8.97
N GLU A 251 -12.72 -13.91 -13.17
CA GLU A 251 -12.16 -12.59 -13.47
C GLU A 251 -11.40 -12.06 -12.26
N ASN A 252 -10.33 -11.32 -12.52
CA ASN A 252 -9.51 -10.80 -11.43
C ASN A 252 -10.29 -9.73 -10.65
N PRO A 253 -10.36 -9.82 -9.32
CA PRO A 253 -11.22 -8.91 -8.57
C PRO A 253 -10.65 -7.52 -8.32
N ASN A 254 -9.35 -7.30 -8.47
CA ASN A 254 -8.76 -6.11 -7.89
C ASN A 254 -9.32 -4.81 -8.48
N LEU A 255 -9.57 -4.75 -9.79
CA LEU A 255 -10.21 -3.54 -10.33
C LEU A 255 -11.55 -3.26 -9.67
N HIS A 256 -12.19 -4.27 -9.08
CA HIS A 256 -13.43 -4.04 -8.34
C HIS A 256 -13.18 -3.45 -6.96
N TYR A 257 -11.95 -3.58 -6.45
CA TYR A 257 -11.66 -3.09 -5.11
C TYR A 257 -11.63 -1.56 -5.07
N VAL A 258 -11.83 -1.04 -3.87
CA VAL A 258 -11.93 0.39 -3.59
C VAL A 258 -10.99 0.74 -2.45
N GLU A 259 -10.27 1.85 -2.59
CA GLU A 259 -9.49 2.43 -1.50
C GLU A 259 -10.23 3.67 -1.02
N LEU A 260 -10.39 3.81 0.28
CA LEU A 260 -11.09 4.94 0.89
C LEU A 260 -10.07 5.85 1.56
N LYS A 261 -10.15 7.15 1.29
CA LYS A 261 -9.25 8.13 1.90
C LYS A 261 -10.05 9.30 2.42
N THR A 262 -9.51 9.99 3.43
CA THR A 262 -10.09 11.25 3.87
C THR A 262 -9.03 12.34 3.82
N SER A 263 -9.43 13.53 3.39
CA SER A 263 -8.45 14.58 3.14
C SER A 263 -9.16 15.92 3.11
N LYS A 264 -8.41 16.96 3.47
CA LYS A 264 -8.82 18.30 3.11
C LYS A 264 -8.61 18.49 1.60
N LYS A 265 -9.51 19.23 0.97
CA LYS A 265 -9.41 19.48 -0.46
C LYS A 265 -8.56 20.73 -0.70
N TYR A 266 -7.53 20.58 -1.50
CA TYR A 266 -6.75 21.69 -2.04
C TYR A 266 -6.80 21.64 -3.57
N PRO A 267 -6.57 22.77 -4.22
CA PRO A 267 -6.45 22.75 -5.70
C PRO A 267 -5.27 21.88 -6.13
N LEU A 268 -5.38 21.34 -7.35
CA LEU A 268 -4.28 20.54 -7.90
C LEU A 268 -3.04 21.37 -8.20
N GLU A 269 -3.18 22.69 -8.34
CA GLU A 269 -2.01 23.56 -8.40
C GLU A 269 -1.13 23.44 -7.18
N ASN A 270 -1.70 23.01 -6.05
CA ASN A 270 -0.99 22.91 -4.77
C ASN A 270 -0.03 21.72 -4.80
N TYR A 271 1.26 21.98 -4.56
CA TYR A 271 2.27 20.94 -4.64
C TYR A 271 2.01 19.81 -3.65
N GLY A 272 1.65 20.17 -2.42
CA GLY A 272 1.34 19.16 -1.43
C GLY A 272 0.17 18.28 -1.83
N MET A 273 -0.88 18.89 -2.37
CA MET A 273 -2.03 18.12 -2.84
C MET A 273 -1.60 17.12 -3.92
N ARG A 274 -0.80 17.58 -4.88
CA ARG A 274 -0.33 16.68 -5.94
C ARG A 274 0.50 15.55 -5.36
N LYS A 275 1.40 15.86 -4.43
CA LYS A 275 2.21 14.82 -3.83
C LYS A 275 1.33 13.80 -3.12
N LYS A 276 0.30 14.27 -2.42
CA LYS A 276 -0.59 13.36 -1.73
C LYS A 276 -1.30 12.44 -2.72
N LEU A 277 -1.79 13.01 -3.82
CA LEU A 277 -2.48 12.20 -4.81
C LEU A 277 -1.54 11.20 -5.45
N LEU A 278 -0.29 11.60 -5.70
CA LEU A 278 0.69 10.68 -6.26
C LEU A 278 0.90 9.48 -5.34
N LYS A 279 0.90 9.72 -4.02
CA LYS A 279 1.04 8.61 -3.07
C LYS A 279 -0.22 7.76 -3.01
N TYR A 280 -1.39 8.40 -3.08
CA TYR A 280 -2.62 7.63 -3.26
C TYR A 280 -2.50 6.72 -4.47
N TRP A 281 -2.12 7.29 -5.61
CA TRP A 281 -2.01 6.51 -6.85
C TRP A 281 -1.05 5.35 -6.67
N ALA A 282 0.16 5.65 -6.22
CA ALA A 282 1.16 4.61 -6.07
C ALA A 282 0.63 3.44 -5.25
N GLN A 283 -0.03 3.75 -4.12
CA GLN A 283 -0.48 2.69 -3.22
C GLN A 283 -1.46 1.77 -3.89
N SER A 284 -2.47 2.34 -4.55
CA SER A 284 -3.52 1.53 -5.14
C SER A 284 -3.05 0.86 -6.41
N PHE A 285 -2.18 1.53 -7.18
CA PHE A 285 -1.58 0.97 -8.38
C PHE A 285 -0.87 -0.35 -8.09
N LEU A 286 -0.12 -0.40 -6.99
CA LEU A 286 0.65 -1.57 -6.66
C LEU A 286 -0.22 -2.77 -6.32
N LEU A 287 -1.50 -2.57 -5.99
CA LEU A 287 -2.38 -3.69 -5.69
C LEU A 287 -3.51 -3.83 -6.73
N GLY A 288 -3.45 -3.07 -7.82
CA GLY A 288 -4.47 -3.14 -8.85
C GLY A 288 -5.83 -2.61 -8.46
N ILE A 289 -5.90 -1.81 -7.39
CA ILE A 289 -7.18 -1.28 -6.90
C ILE A 289 -7.79 -0.38 -7.95
N GLY A 290 -9.05 -0.63 -8.30
CA GLY A 290 -9.62 0.10 -9.41
C GLY A 290 -10.01 1.52 -9.05
N ARG A 291 -10.50 1.73 -7.83
CA ARG A 291 -11.06 3.01 -7.43
C ARG A 291 -10.43 3.54 -6.15
N ILE A 292 -10.29 4.86 -6.09
CA ILE A 292 -9.94 5.57 -4.87
C ILE A 292 -11.06 6.58 -4.65
N ILE A 293 -11.69 6.52 -3.49
CA ILE A 293 -12.80 7.38 -3.14
C ILE A 293 -12.37 8.22 -1.95
N ILE A 294 -12.34 9.54 -2.16
CA ILE A 294 -11.87 10.50 -1.17
C ILE A 294 -13.08 11.15 -0.51
N GLY A 295 -13.17 11.03 0.80
CA GLY A 295 -14.09 11.85 1.57
C GLY A 295 -13.42 13.17 1.91
N PHE A 296 -13.81 14.25 1.25
CA PHE A 296 -13.26 15.56 1.59
C PHE A 296 -13.92 16.08 2.86
N ARG A 297 -13.11 16.50 3.82
CA ARG A 297 -13.64 16.98 5.09
C ARG A 297 -13.12 18.39 5.35
N ASP A 298 -13.85 19.13 6.16
CA ASP A 298 -13.41 20.45 6.59
C ASP A 298 -12.55 20.31 7.85
N ASP A 299 -12.12 21.44 8.39
CA ASP A 299 -11.23 21.45 9.55
C ASP A 299 -11.92 20.96 10.81
N ASN A 300 -13.24 20.98 10.85
CA ASN A 300 -14.00 20.42 11.95
C ASN A 300 -14.10 18.90 11.88
N GLY A 301 -13.64 18.28 10.80
CA GLY A 301 -13.83 16.86 10.62
C GLY A 301 -15.20 16.46 10.08
N ILE A 302 -15.93 17.37 9.49
CA ILE A 302 -17.25 17.08 8.91
C ILE A 302 -17.06 16.70 7.45
N LEU A 303 -17.72 15.62 7.02
CA LEU A 303 -17.64 15.19 5.62
C LEU A 303 -18.41 16.16 4.74
N ILE A 304 -17.72 16.80 3.79
CA ILE A 304 -18.30 17.81 2.94
C ILE A 304 -18.62 17.27 1.54
N GLU A 305 -17.71 16.50 0.96
CA GLU A 305 -17.81 16.11 -0.44
C GLU A 305 -17.21 14.73 -0.64
N MET A 306 -17.88 13.93 -1.47
CA MET A 306 -17.36 12.64 -1.93
C MET A 306 -16.77 12.80 -3.33
N LYS A 307 -15.55 12.28 -3.52
CA LYS A 307 -14.90 12.29 -4.84
C LYS A 307 -14.48 10.87 -5.21
N GLU A 308 -15.13 10.29 -6.22
CA GLU A 308 -14.79 8.95 -6.71
C GLU A 308 -13.78 9.06 -7.86
N LEU A 309 -12.59 8.51 -7.67
CA LEU A 309 -11.58 8.49 -8.72
C LEU A 309 -11.31 7.07 -9.20
N PHE A 310 -11.01 6.92 -10.49
CA PHE A 310 -10.41 5.69 -10.98
C PHE A 310 -8.90 5.83 -10.79
N THR A 311 -8.28 4.79 -10.24
CA THR A 311 -6.84 4.85 -10.00
C THR A 311 -6.08 5.29 -11.25
N HIS A 312 -6.29 4.60 -12.39
CA HIS A 312 -5.59 4.94 -13.61
C HIS A 312 -5.83 6.39 -14.05
N GLN A 313 -6.86 7.05 -13.53
CA GLN A 313 -7.11 8.44 -13.92
C GLN A 313 -6.24 9.45 -13.21
N ILE A 314 -5.64 9.10 -12.06
CA ILE A 314 -4.89 10.09 -11.29
C ILE A 314 -3.68 10.60 -12.07
N PRO A 315 -2.90 9.76 -12.73
CA PRO A 315 -1.80 10.33 -13.54
C PRO A 315 -2.34 11.21 -14.66
N LYS A 316 -3.52 10.90 -15.16
CA LYS A 316 -4.08 11.73 -16.23
C LYS A 316 -4.54 13.08 -15.68
N MET A 317 -5.23 13.06 -14.55
CA MET A 317 -5.75 14.27 -13.92
C MET A 317 -4.65 15.25 -13.54
N LEU A 318 -3.48 14.74 -13.14
CA LEU A 318 -2.35 15.57 -12.72
C LEU A 318 -1.50 16.09 -13.86
N ARG A 319 -1.60 15.52 -15.06
CA ARG A 319 -0.73 15.93 -16.15
C ARG A 319 -0.67 17.44 -16.37
N PRO A 320 -1.78 18.19 -16.42
CA PRO A 320 -1.70 19.63 -16.67
C PRO A 320 -1.03 20.42 -15.56
N TYR A 321 -0.73 19.79 -14.41
CA TYR A 321 -0.26 20.53 -13.25
C TYR A 321 1.17 20.23 -12.86
N PHE A 322 1.83 19.28 -13.49
CA PHE A 322 3.20 18.95 -13.13
C PHE A 322 4.12 20.06 -13.62
N LYS A 323 5.01 20.53 -12.75
CA LYS A 323 6.05 21.46 -13.15
C LYS A 323 7.22 20.68 -13.73
N PRO A 324 8.13 21.36 -14.42
CA PRO A 324 9.18 20.64 -15.18
C PRO A 324 10.10 19.80 -14.30
N ASN A 325 10.20 20.14 -13.02
CA ASN A 325 11.04 19.48 -12.02
C ASN A 325 10.39 18.27 -11.39
N ASP A 326 9.07 18.18 -11.44
CA ASP A 326 8.33 17.35 -10.51
C ASP A 326 8.58 15.87 -10.73
N TRP A 327 8.40 15.09 -9.66
CA TRP A 327 8.32 13.65 -9.78
C TRP A 327 6.99 13.28 -10.40
N THR A 328 7.01 12.41 -11.39
CA THR A 328 5.81 11.97 -12.11
C THR A 328 5.60 10.47 -11.90
N PRO A 329 4.38 9.98 -12.14
CA PRO A 329 4.14 8.53 -12.08
C PRO A 329 5.19 7.72 -12.83
N ASN A 330 5.50 8.12 -14.08
CA ASN A 330 6.46 7.35 -14.89
C ASN A 330 7.87 7.43 -14.31
N ARG A 331 8.28 8.62 -13.87
CA ARG A 331 9.61 8.73 -13.27
C ARG A 331 9.72 7.87 -12.02
N LEU A 332 8.68 7.88 -11.17
CA LEU A 332 8.67 7.05 -9.97
C LEU A 332 8.81 5.57 -10.31
N LEU A 333 8.09 5.11 -11.34
CA LEU A 333 8.20 3.71 -11.73
C LEU A 333 9.60 3.37 -12.25
N VAL A 334 10.19 4.27 -13.04
CA VAL A 334 11.53 4.00 -13.56
C VAL A 334 12.50 3.80 -12.41
N VAL A 335 12.54 4.76 -11.49
CA VAL A 335 13.45 4.68 -10.34
C VAL A 335 13.18 3.41 -9.53
N LEU A 336 11.90 3.13 -9.26
CA LEU A 336 11.54 1.95 -8.46
C LEU A 336 12.09 0.69 -9.10
N GLU A 337 11.94 0.57 -10.42
CA GLU A 337 12.45 -0.63 -11.09
C GLU A 337 13.95 -0.71 -10.99
N HIS A 338 14.65 0.43 -10.98
CA HIS A 338 16.10 0.38 -10.82
C HIS A 338 16.47 -0.01 -9.40
N ALA A 339 15.73 0.53 -8.42
CA ALA A 339 15.99 0.20 -7.03
C ALA A 339 15.79 -1.30 -6.78
N LEU A 340 14.68 -1.86 -7.31
CA LEU A 340 14.40 -3.27 -7.07
C LEU A 340 15.48 -4.16 -7.69
N GLU A 341 15.91 -3.84 -8.91
CA GLU A 341 16.98 -4.60 -9.56
C GLU A 341 18.27 -4.53 -8.73
N TRP A 342 18.55 -3.35 -8.18
CA TRP A 342 19.72 -3.16 -7.35
C TRP A 342 19.63 -3.94 -6.04
N ILE A 343 18.48 -3.89 -5.38
CA ILE A 343 18.30 -4.70 -4.17
C ILE A 343 18.53 -6.17 -4.50
N LYS A 344 17.88 -6.65 -5.56
CA LYS A 344 17.98 -8.04 -5.97
C LYS A 344 19.44 -8.42 -6.25
N GLN A 345 20.13 -7.61 -7.06
CA GLN A 345 21.53 -7.89 -7.38
C GLN A 345 22.37 -7.98 -6.11
N THR A 346 22.20 -7.02 -5.21
CA THR A 346 22.99 -6.98 -3.99
C THR A 346 22.71 -8.16 -3.09
N VAL A 347 21.43 -8.48 -2.86
CA VAL A 347 21.07 -9.59 -1.98
C VAL A 347 21.53 -10.91 -2.56
N LYS A 348 21.09 -11.20 -3.80
CA LYS A 348 21.53 -12.42 -4.45
C LYS A 348 22.99 -12.45 -4.53
N GLN A 349 23.57 -11.31 -4.56
CA GLN A 349 24.94 -11.64 -4.39
C GLN A 349 25.28 -12.16 -3.03
N HIS A 350 24.50 -12.83 -2.14
CA HIS A 350 25.05 -13.52 -0.96
C HIS A 350 24.33 -14.85 -0.69
N PRO A 351 24.84 -15.74 0.20
CA PRO A 351 24.04 -16.97 0.53
C PRO A 351 22.68 -16.65 1.15
N PRO A 352 21.68 -17.50 0.93
CA PRO A 352 20.37 -17.20 1.53
C PRO A 352 20.44 -17.20 3.05
N SER A 353 19.42 -16.60 3.66
CA SER A 353 19.34 -16.38 5.11
C SER A 353 20.29 -15.29 5.60
N THR A 354 21.01 -14.61 4.70
CA THR A 354 21.76 -13.42 5.09
C THR A 354 20.78 -12.27 5.30
N GLU A 355 20.88 -11.60 6.44
CA GLU A 355 19.98 -10.51 6.79
C GLU A 355 20.59 -9.17 6.39
N PHE A 356 19.76 -8.32 5.78
CA PHE A 356 20.10 -6.96 5.37
C PHE A 356 19.08 -5.99 5.92
N THR A 357 19.50 -4.75 6.12
CA THR A 357 18.56 -3.65 6.28
C THR A 357 18.65 -2.71 5.09
N LEU A 358 17.48 -2.25 4.67
CA LEU A 358 17.33 -1.22 3.64
C LEU A 358 16.82 0.02 4.34
N SER A 359 17.58 1.11 4.27
CA SER A 359 17.26 2.31 5.03
C SER A 359 17.07 3.50 4.11
N TYR A 360 16.18 4.40 4.51
CA TYR A 360 16.06 5.72 3.91
C TYR A 360 15.95 6.72 5.05
N THR A 361 16.86 7.69 5.07
CA THR A 361 16.97 8.65 6.17
C THR A 361 17.01 10.08 5.64
N GLY A 362 16.36 10.32 4.51
CA GLY A 362 16.43 11.61 3.83
C GLY A 362 17.45 11.58 2.72
N GLY A 363 17.56 12.73 2.05
CA GLY A 363 18.49 12.85 0.96
C GLY A 363 18.04 12.09 -0.27
N SER A 364 19.01 11.61 -1.04
CA SER A 364 18.78 11.12 -2.38
C SER A 364 19.06 9.63 -2.51
N LYS A 365 19.28 8.92 -1.41
CA LYS A 365 19.84 7.58 -1.50
C LYS A 365 19.14 6.59 -0.57
N LEU A 366 19.05 5.35 -1.04
CA LEU A 366 18.77 4.19 -0.21
C LEU A 366 20.10 3.57 0.19
N VAL A 367 20.15 3.01 1.40
CA VAL A 367 21.34 2.31 1.87
C VAL A 367 20.97 0.91 2.32
N LEU A 368 21.66 -0.08 1.76
CA LEU A 368 21.55 -1.49 2.11
C LEU A 368 22.76 -1.87 2.96
N ARG A 369 22.52 -2.44 4.14
CA ARG A 369 23.56 -2.91 5.04
C ARG A 369 23.39 -4.40 5.29
N GLN A 370 24.49 -5.15 5.28
CA GLN A 370 24.44 -6.53 5.72
C GLN A 370 24.51 -6.56 7.24
N ILE A 371 23.64 -7.36 7.87
CA ILE A 371 23.64 -7.45 9.33
C ILE A 371 24.55 -8.57 9.76
N ILE A 372 25.38 -8.29 10.76
CA ILE A 372 26.27 -9.27 11.34
C ILE A 372 26.21 -9.17 12.84
MG MG B . -7.89 3.59 3.33
MG MG C . -8.72 -0.55 7.47
PA UBG D . -0.24 0.37 3.78
O1A UBG D . 1.08 0.94 4.24
O2A UBG D . -0.26 0.44 2.27
O5B UBG D . -1.49 1.13 4.54
C5B UBG D . -2.78 0.59 4.30
C4B UBG D . -3.56 0.68 5.58
O4B UBG D . -2.95 -0.04 6.66
C3B UBG D . -3.57 2.12 6.04
O3B UBG D . -4.55 2.84 5.34
C2B UBG D . -3.95 2.02 7.49
O2B UBG D . -5.35 1.91 7.70
C1B UBG D . -3.26 0.80 7.88
N9A UBG D . -1.89 0.96 8.38
C8A UBG D . -0.73 0.93 7.70
N7A UBG D . 0.28 1.20 8.55
C5A UBG D . -0.27 1.41 9.80
C6A UBG D . 0.24 1.72 11.08
N6A UBG D . 1.71 1.87 11.23
N1A UBG D . -0.58 1.87 12.11
C2A UBG D . -1.88 1.72 11.95
N3A UBG D . -2.43 1.44 10.77
C4A UBG D . -1.63 1.26 9.68
N1 UBG D . -0.37 -2.04 10.02
C2 UBG D . -1.77 -2.17 10.45
O2 UBG D . -2.61 -2.55 9.67
N3 UBG D . -2.14 -1.83 11.83
C4 UBG D . -1.16 -1.38 12.75
O4 UBG D . -1.50 -1.09 13.92
C4X UBG D . 0.31 -1.25 12.32
N5 UBG D . 1.24 -0.80 13.19
C5X UBG D . 2.53 -0.69 12.77
C6 UBG D . 3.51 -0.24 13.68
C7 UBG D . 4.84 -0.12 13.26
C7M UBG D . 5.91 0.36 14.25
C8 UBG D . 5.20 -0.45 11.92
C8M UBG D . 6.68 -0.32 11.45
C9 UBG D . 4.22 -0.91 11.02
C9A UBG D . 2.88 -1.03 11.44
N10 UBG D . 1.94 -1.45 10.58
C10 UBG D . 0.65 -1.57 10.99
C1' UBG D . 2.29 -1.79 9.20
C2' UBG D . 2.19 -3.34 8.97
O2' UBG D . 3.34 -3.95 9.48
C3' UBG D . 2.10 -3.72 7.42
O3' UBG D . 3.12 -3.15 6.71
C4' UBG D . 0.84 -3.27 6.80
O4' UBG D . -0.26 -3.57 7.64
C5' UBG D . 0.64 -4.06 5.46
O5' UBG D . -0.64 -3.65 4.98
P UBG D . -0.55 -2.60 3.66
O1P UBG D . -1.96 -2.57 3.03
O2P UBG D . 0.53 -3.00 2.68
O3P UBG D . -0.24 -1.16 4.36
O52 UBG D . -5.37 4.87 3.99
O53 UBG D . -2.94 4.27 3.81
O54 UBG D . -3.78 5.26 5.83
P51 UBG D . -4.14 4.33 4.75
C1 EDO E . -3.78 0.92 -11.93
O1 EDO E . -3.86 1.73 -13.13
C2 EDO E . -5.17 0.41 -11.51
O2 EDO E . -6.19 0.86 -12.41
H11 EDO E . -3.13 0.07 -12.11
H12 EDO E . -3.37 1.52 -11.12
HO1 EDO E . -2.97 2.02 -13.37
H21 EDO E . -5.40 0.76 -10.50
H22 EDO E . -5.16 -0.68 -11.49
HO2 EDO E . -7.05 0.52 -12.12
#